data_3JTJ
#
_entry.id   3JTJ
#
_cell.length_a   97.058
_cell.length_b   97.058
_cell.length_c   93.626
_cell.angle_alpha   90.000
_cell.angle_beta   90.000
_cell.angle_gamma   120.000
#
_symmetry.space_group_name_H-M   'P 32 2 1'
#
loop_
_entity.id
_entity.type
_entity.pdbx_description
1 polymer '3-deoxy-manno-octulosonate cytidylyltransferase'
2 non-polymer IMIDAZOLE
3 water water
#
_entity_poly.entity_id   1
_entity_poly.type   'polypeptide(L)'
_entity_poly.pdbx_seq_one_letter_code
;SNA(MSE)SFIAIIPARYASTRLPGKPLADIAGKP(MSE)VVHV(MSE)ERALASGADRVIVATDHPDVVKAVEAAGGEV
CLTRADHQSGTERLAEVIEHYGFADDDIIVNVQGDEPLVPPVIIRQVADNLAACSAG(MSE)ATLAVPIASSEEAFNPNA
VKVV(MSE)DAQGYALYFSRATIPWERERFAQSKETIGDCFLRHIGIYAYRAGFIRRYVNWAPSQLEQIELLEQLRVLWY
GEKIHVAVAKAVPAVGVDTQSDLDRVRAI(MSE)LNQ
;
_entity_poly.pdbx_strand_id   A
#
# COMPACT_ATOMS: atom_id res chain seq x y z
N SER A 5 -9.80 -3.10 -16.55
CA SER A 5 -9.46 -4.42 -15.94
C SER A 5 -8.18 -4.35 -15.07
N PHE A 6 -8.18 -4.99 -13.89
CA PHE A 6 -7.02 -5.03 -13.02
C PHE A 6 -7.03 -6.22 -12.09
N ILE A 7 -5.85 -6.51 -11.58
CA ILE A 7 -5.62 -7.64 -10.69
C ILE A 7 -5.21 -7.16 -9.28
N ALA A 8 -5.79 -7.77 -8.25
CA ALA A 8 -5.40 -7.45 -6.88
C ALA A 8 -4.54 -8.54 -6.34
N ILE A 9 -3.37 -8.16 -5.82
CA ILE A 9 -2.47 -9.12 -5.20
C ILE A 9 -2.41 -8.77 -3.73
N ILE A 10 -2.66 -9.74 -2.86
CA ILE A 10 -2.65 -9.49 -1.43
C ILE A 10 -1.49 -10.23 -0.73
N PRO A 11 -0.42 -9.53 -0.36
CA PRO A 11 0.63 -10.23 0.40
C PRO A 11 0.15 -10.59 1.79
N ALA A 12 0.30 -11.85 2.17
CA ALA A 12 -0.13 -12.36 3.49
C ALA A 12 1.04 -13.11 4.16
N ARG A 13 1.95 -12.37 4.79
CA ARG A 13 3.04 -12.96 5.54
C ARG A 13 2.56 -13.55 6.85
N TYR A 14 2.83 -14.83 7.07
CA TYR A 14 2.39 -15.54 8.25
C TYR A 14 3.08 -15.08 9.53
N ALA A 15 4.39 -14.89 9.46
CA ALA A 15 5.20 -14.66 10.67
C ALA A 15 5.06 -13.24 11.26
N SER A 16 4.79 -13.18 12.55
CA SER A 16 4.70 -11.94 13.32
C SER A 16 5.01 -12.25 14.78
N THR A 17 5.79 -11.39 15.42
CA THR A 17 6.22 -11.65 16.82
C THR A 17 5.06 -11.34 17.79
N ARG A 18 4.29 -10.29 17.45
CA ARG A 18 3.12 -9.88 18.25
C ARG A 18 1.82 -10.57 17.81
N LEU A 19 1.71 -10.92 16.53
CA LEU A 19 0.51 -11.61 16.08
C LEU A 19 0.81 -12.84 15.24
N PRO A 20 1.28 -13.93 15.87
CA PRO A 20 1.63 -15.13 15.13
C PRO A 20 0.48 -15.62 14.26
N GLY A 21 0.81 -16.04 13.04
CA GLY A 21 -0.19 -16.49 12.09
C GLY A 21 -1.20 -15.39 11.80
N LYS A 22 -0.70 -14.17 11.69
CA LYS A 22 -1.52 -12.96 11.56
C LYS A 22 -2.66 -13.11 10.51
N PRO A 23 -2.32 -13.57 9.29
CA PRO A 23 -3.34 -13.68 8.27
C PRO A 23 -4.56 -14.49 8.63
N LEU A 24 -4.39 -15.45 9.52
CA LEU A 24 -5.47 -16.32 9.92
C LEU A 24 -6.15 -15.95 11.24
N ALA A 25 -5.72 -14.85 11.85
CA ALA A 25 -6.39 -14.28 13.01
C ALA A 25 -7.90 -14.06 12.69
N ASP A 26 -8.76 -14.72 13.45
CA ASP A 26 -10.23 -14.63 13.31
C ASP A 26 -10.73 -13.22 13.62
N ILE A 27 -11.51 -12.64 12.72
CA ILE A 27 -12.15 -11.36 12.96
C ILE A 27 -13.62 -11.63 12.60
N ALA A 28 -14.48 -11.72 13.63
CA ALA A 28 -15.89 -11.89 13.47
C ALA A 28 -16.24 -13.08 12.62
N GLY A 29 -15.52 -14.18 12.78
CA GLY A 29 -15.86 -15.45 12.09
C GLY A 29 -15.05 -15.72 10.80
N LYS A 30 -14.26 -14.75 10.34
CA LYS A 30 -13.39 -15.03 9.17
C LYS A 30 -11.94 -14.63 9.42
N PRO A 31 -11.00 -15.35 8.80
CA PRO A 31 -9.60 -14.93 8.94
C PRO A 31 -9.37 -13.58 8.29
N VAL A 33 -7.17 -12.35 6.41
CA VAL A 33 -6.81 -12.28 5.01
C VAL A 33 -8.07 -12.40 4.10
N VAL A 34 -9.07 -13.15 4.54
CA VAL A 34 -10.30 -13.38 3.77
C VAL A 34 -11.14 -12.10 3.69
N HIS A 35 -11.08 -11.26 4.73
CA HIS A 35 -11.72 -9.93 4.70
C HIS A 35 -11.08 -9.06 3.62
N VAL A 36 -9.75 -9.06 3.53
CA VAL A 36 -9.10 -8.21 2.55
C VAL A 36 -9.48 -8.74 1.16
N GLU A 38 -12.28 -10.21 0.25
CA GLU A 38 -13.65 -9.88 -0.11
C GLU A 38 -13.70 -8.43 -0.60
N ARG A 39 -12.93 -7.56 0.05
CA ARG A 39 -12.86 -6.17 -0.33
C ARG A 39 -12.16 -5.94 -1.67
N ALA A 40 -11.07 -6.67 -1.92
CA ALA A 40 -10.43 -6.66 -3.25
C ALA A 40 -11.44 -7.09 -4.31
N LEU A 41 -12.18 -8.16 -4.06
CA LEU A 41 -13.24 -8.59 -4.97
C LEU A 41 -14.33 -7.53 -5.15
N ALA A 42 -14.79 -6.92 -4.06
CA ALA A 42 -15.84 -5.89 -4.14
C ALA A 42 -15.34 -4.63 -4.90
N SER A 43 -14.04 -4.43 -4.98
CA SER A 43 -13.51 -3.29 -5.71
C SER A 43 -13.66 -3.42 -7.25
N GLY A 44 -13.92 -4.65 -7.71
CA GLY A 44 -14.09 -4.92 -9.15
C GLY A 44 -12.88 -5.57 -9.79
N ALA A 45 -11.91 -6.00 -8.98
CA ALA A 45 -10.75 -6.67 -9.51
C ALA A 45 -11.16 -7.89 -10.36
N ASP A 46 -10.49 -8.14 -11.49
CA ASP A 46 -10.80 -9.28 -12.33
C ASP A 46 -10.27 -10.54 -11.72
N ARG A 47 -9.21 -10.42 -10.95
CA ARG A 47 -8.64 -11.53 -10.27
C ARG A 47 -8.15 -11.01 -8.96
N VAL A 48 -8.24 -11.87 -7.96
CA VAL A 48 -7.74 -11.54 -6.63
C VAL A 48 -6.89 -12.69 -6.18
N ILE A 49 -5.63 -12.44 -5.90
CA ILE A 49 -4.67 -13.50 -5.60
C ILE A 49 -3.95 -13.17 -4.32
N VAL A 50 -4.00 -14.09 -3.37
CA VAL A 50 -3.26 -13.93 -2.12
C VAL A 50 -1.87 -14.52 -2.34
N ALA A 51 -0.82 -13.81 -1.94
CA ALA A 51 0.53 -14.32 -1.98
C ALA A 51 1.01 -14.51 -0.57
N THR A 52 1.22 -15.76 -0.19
CA THR A 52 1.54 -16.08 1.17
C THR A 52 2.73 -17.01 1.20
N ASP A 53 3.40 -17.03 2.33
CA ASP A 53 4.54 -17.92 2.56
C ASP A 53 4.21 -19.12 3.43
N HIS A 54 2.93 -19.46 3.57
CA HIS A 54 2.59 -20.52 4.54
C HIS A 54 1.43 -21.39 4.11
N PRO A 55 1.61 -22.72 4.17
CA PRO A 55 0.60 -23.66 3.67
C PRO A 55 -0.77 -23.58 4.36
N ASP A 56 -0.83 -23.07 5.58
CA ASP A 56 -2.13 -22.95 6.26
C ASP A 56 -2.94 -21.80 5.65
N VAL A 57 -2.24 -20.73 5.27
CA VAL A 57 -2.91 -19.63 4.58
C VAL A 57 -3.40 -20.12 3.25
N VAL A 58 -2.64 -20.97 2.57
CA VAL A 58 -3.06 -21.49 1.27
C VAL A 58 -4.41 -22.17 1.47
N LYS A 59 -4.48 -23.07 2.46
CA LYS A 59 -5.67 -23.84 2.77
C LYS A 59 -6.87 -22.98 3.08
N ALA A 60 -6.66 -21.98 3.94
CA ALA A 60 -7.73 -21.03 4.29
C ALA A 60 -8.29 -20.25 3.09
N VAL A 61 -7.41 -19.78 2.20
CA VAL A 61 -7.91 -19.02 1.06
C VAL A 61 -8.60 -19.95 0.05
N GLU A 62 -8.04 -21.10 -0.21
CA GLU A 62 -8.70 -22.03 -1.12
C GLU A 62 -10.10 -22.46 -0.61
N ALA A 63 -10.24 -22.61 0.70
CA ALA A 63 -11.54 -22.97 1.29
C ALA A 63 -12.55 -21.82 1.21
N ALA A 64 -12.07 -20.58 1.20
CA ALA A 64 -12.96 -19.44 0.93
C ALA A 64 -13.19 -19.24 -0.55
N GLY A 65 -12.62 -20.10 -1.40
CA GLY A 65 -12.85 -20.04 -2.84
C GLY A 65 -11.94 -19.06 -3.57
N GLY A 66 -10.76 -18.76 -3.00
CA GLY A 66 -9.85 -17.77 -3.55
C GLY A 66 -8.64 -18.36 -4.24
N GLU A 67 -8.01 -17.56 -5.10
CA GLU A 67 -6.71 -17.91 -5.70
C GLU A 67 -5.62 -17.55 -4.71
N VAL A 68 -4.58 -18.36 -4.67
CA VAL A 68 -3.51 -18.18 -3.73
C VAL A 68 -2.25 -18.75 -4.31
N CYS A 69 -1.15 -18.03 -4.07
CA CYS A 69 0.17 -18.34 -4.59
C CYS A 69 1.07 -18.52 -3.36
N LEU A 70 1.73 -19.67 -3.26
CA LEU A 70 2.70 -19.90 -2.21
C LEU A 70 4.03 -19.42 -2.76
N THR A 71 4.63 -18.44 -2.09
CA THR A 71 5.84 -17.84 -2.57
C THR A 71 6.96 -18.68 -2.04
N ARG A 72 8.08 -18.71 -2.74
CA ARG A 72 9.12 -19.66 -2.38
C ARG A 72 10.37 -19.03 -1.79
N ALA A 73 10.52 -17.72 -1.88
CA ALA A 73 11.70 -17.05 -1.32
C ALA A 73 11.30 -16.16 -0.13
N ASP A 74 12.26 -15.94 0.78
CA ASP A 74 12.10 -14.99 1.91
C ASP A 74 12.35 -13.59 1.36
N HIS A 75 11.38 -13.04 0.62
CA HIS A 75 11.62 -11.87 -0.26
C HIS A 75 12.13 -10.60 0.40
N GLN A 76 13.29 -10.14 -0.09
CA GLN A 76 13.93 -8.94 0.47
C GLN A 76 13.00 -7.72 0.47
N SER A 77 11.93 -7.77 -0.36
CA SER A 77 11.12 -6.60 -0.61
C SER A 77 9.78 -6.99 -1.19
N GLY A 78 8.82 -6.10 -1.01
CA GLY A 78 7.48 -6.32 -1.48
C GLY A 78 7.35 -6.23 -3.00
N THR A 79 8.12 -5.36 -3.62
CA THR A 79 8.13 -5.33 -5.07
C THR A 79 8.72 -6.62 -5.66
N GLU A 80 9.71 -7.19 -5.02
CA GLU A 80 10.28 -8.45 -5.50
C GLU A 80 9.31 -9.59 -5.35
N ARG A 81 8.51 -9.58 -4.29
CA ARG A 81 7.46 -10.61 -4.08
C ARG A 81 6.42 -10.49 -5.16
N LEU A 82 6.06 -9.26 -5.49
CA LEU A 82 5.14 -9.02 -6.57
C LEU A 82 5.71 -9.53 -7.90
N ALA A 83 6.98 -9.29 -8.15
CA ALA A 83 7.62 -9.78 -9.37
C ALA A 83 7.50 -11.31 -9.46
N GLU A 84 7.65 -12.01 -8.33
CA GLU A 84 7.52 -13.46 -8.36
C GLU A 84 6.11 -13.85 -8.74
N VAL A 85 5.09 -13.15 -8.23
CA VAL A 85 3.71 -13.53 -8.49
C VAL A 85 3.39 -13.29 -9.96
N ILE A 86 3.85 -12.18 -10.47
CA ILE A 86 3.63 -11.81 -11.86
C ILE A 86 4.26 -12.84 -12.80
N GLU A 87 5.46 -13.29 -12.49
CA GLU A 87 6.10 -14.31 -13.34
C GLU A 87 5.44 -15.68 -13.16
N HIS A 88 4.91 -15.95 -11.97
CA HIS A 88 4.28 -17.22 -11.70
C HIS A 88 3.02 -17.32 -12.52
N TYR A 89 2.22 -16.25 -12.56
CA TYR A 89 1.00 -16.28 -13.36
C TYR A 89 1.21 -15.87 -14.81
N GLY A 90 2.36 -15.34 -15.15
CA GLY A 90 2.62 -14.96 -16.53
C GLY A 90 1.77 -13.79 -17.01
N PHE A 91 1.63 -12.76 -16.18
CA PHE A 91 0.88 -11.57 -16.61
C PHE A 91 1.64 -10.78 -17.69
N ALA A 92 0.86 -10.10 -18.53
CA ALA A 92 1.39 -9.32 -19.61
C ALA A 92 1.87 -8.01 -19.02
N ASP A 93 2.80 -7.36 -19.69
CA ASP A 93 3.35 -6.08 -19.25
C ASP A 93 2.31 -4.97 -18.95
N ASP A 94 1.24 -4.97 -19.73
CA ASP A 94 0.18 -3.99 -19.69
C ASP A 94 -0.86 -4.28 -18.58
N ASP A 95 -0.81 -5.44 -17.91
CA ASP A 95 -1.73 -5.70 -16.82
C ASP A 95 -1.40 -4.80 -15.67
N ILE A 96 -2.45 -4.32 -15.01
CA ILE A 96 -2.39 -3.47 -13.86
C ILE A 96 -2.59 -4.34 -12.66
N ILE A 97 -1.70 -4.19 -11.70
CA ILE A 97 -1.64 -4.98 -10.50
C ILE A 97 -1.73 -4.01 -9.34
N VAL A 98 -2.66 -4.26 -8.43
CA VAL A 98 -2.77 -3.45 -7.23
C VAL A 98 -2.33 -4.30 -6.05
N ASN A 99 -1.45 -3.73 -5.26
CA ASN A 99 -0.87 -4.41 -4.10
C ASN A 99 -1.69 -4.03 -2.90
N VAL A 100 -2.50 -4.96 -2.41
CA VAL A 100 -3.42 -4.64 -1.34
C VAL A 100 -2.98 -5.39 -0.07
N GLN A 101 -2.53 -4.68 0.97
CA GLN A 101 -1.88 -5.35 2.12
C GLN A 101 -2.81 -6.32 2.86
N GLY A 102 -2.35 -7.53 3.09
CA GLY A 102 -3.14 -8.54 3.78
C GLY A 102 -3.48 -8.26 5.23
N ASP A 103 -2.92 -7.19 5.79
CA ASP A 103 -3.22 -6.86 7.19
C ASP A 103 -4.06 -5.62 7.32
N GLU A 104 -4.82 -5.29 6.25
CA GLU A 104 -5.75 -4.17 6.23
C GLU A 104 -7.18 -4.63 5.93
N PRO A 105 -7.77 -5.38 6.86
CA PRO A 105 -9.05 -6.00 6.61
C PRO A 105 -10.21 -5.02 6.42
N LEU A 106 -10.02 -3.74 6.72
CA LEU A 106 -11.08 -2.73 6.51
C LEU A 106 -10.75 -1.83 5.33
N VAL A 107 -9.82 -2.25 4.49
CA VAL A 107 -9.52 -1.47 3.30
C VAL A 107 -10.81 -1.15 2.55
N PRO A 108 -11.04 0.13 2.25
CA PRO A 108 -12.20 0.47 1.45
C PRO A 108 -12.05 0.05 -0.02
N PRO A 109 -12.99 -0.77 -0.55
CA PRO A 109 -12.93 -1.12 -1.96
C PRO A 109 -12.75 0.06 -2.89
N VAL A 110 -13.37 1.19 -2.60
CA VAL A 110 -13.29 2.32 -3.51
C VAL A 110 -11.82 2.72 -3.79
N ILE A 111 -10.91 2.60 -2.81
CA ILE A 111 -9.54 3.06 -3.05
C ILE A 111 -8.68 2.07 -3.86
N ILE A 112 -9.07 0.80 -3.81
CA ILE A 112 -8.37 -0.22 -4.53
C ILE A 112 -8.64 0.09 -5.98
N ARG A 113 -9.92 0.32 -6.28
CA ARG A 113 -10.33 0.67 -7.62
C ARG A 113 -9.74 2.02 -8.06
N GLN A 114 -9.76 3.00 -7.17
CA GLN A 114 -9.25 4.33 -7.50
C GLN A 114 -7.80 4.28 -8.02
N VAL A 115 -6.92 3.60 -7.29
CA VAL A 115 -5.50 3.56 -7.65
C VAL A 115 -5.28 2.82 -8.99
N ALA A 116 -6.02 1.76 -9.24
CA ALA A 116 -6.00 1.08 -10.55
C ALA A 116 -6.47 2.01 -11.67
N ASP A 117 -7.64 2.63 -11.51
CA ASP A 117 -8.13 3.55 -12.52
C ASP A 117 -7.17 4.72 -12.77
N ASN A 118 -6.58 5.24 -11.69
CA ASN A 118 -5.67 6.35 -11.86
C ASN A 118 -4.42 5.90 -12.67
N LEU A 119 -3.93 4.70 -12.36
CA LEU A 119 -2.83 4.16 -13.09
C LEU A 119 -3.15 4.08 -14.60
N ALA A 120 -4.33 3.58 -14.93
CA ALA A 120 -4.73 3.39 -16.34
C ALA A 120 -4.85 4.71 -17.04
N ALA A 121 -5.33 5.73 -16.36
CA ALA A 121 -5.54 7.03 -16.98
C ALA A 121 -4.24 7.82 -17.13
N CYS A 122 -3.22 7.50 -16.33
CA CYS A 122 -2.01 8.36 -16.29
C CYS A 122 -0.90 7.82 -17.15
N SER A 123 0.18 8.57 -17.21
CA SER A 123 1.31 8.23 -18.09
C SER A 123 2.39 7.46 -17.33
N ALA A 124 2.21 7.30 -16.01
CA ALA A 124 3.24 6.67 -15.18
C ALA A 124 3.10 5.14 -15.19
N GLY A 125 4.12 4.47 -14.71
CA GLY A 125 4.06 3.03 -14.55
C GLY A 125 3.59 2.62 -13.15
N ALA A 127 1.22 4.08 -9.49
CA ALA A 127 0.29 5.03 -8.87
C ALA A 127 0.08 4.67 -7.43
N THR A 128 -0.24 5.68 -6.63
CA THR A 128 -0.46 5.53 -5.23
C THR A 128 -1.43 6.62 -4.74
N LEU A 129 -1.68 6.64 -3.42
CA LEU A 129 -2.69 7.51 -2.83
C LEU A 129 -2.13 8.23 -1.61
N ALA A 130 -2.80 9.30 -1.21
CA ALA A 130 -2.46 10.02 -0.01
C ALA A 130 -3.72 10.51 0.70
N VAL A 131 -3.59 10.84 1.99
CA VAL A 131 -4.72 11.38 2.73
C VAL A 131 -4.32 12.63 3.48
N PRO A 132 -5.29 13.51 3.83
CA PRO A 132 -4.94 14.75 4.50
C PRO A 132 -4.35 14.53 5.89
N ILE A 133 -3.41 15.40 6.26
CA ILE A 133 -2.87 15.46 7.61
C ILE A 133 -3.52 16.68 8.25
N ALA A 134 -4.19 16.42 9.37
CA ALA A 134 -4.92 17.47 10.14
C ALA A 134 -4.10 18.10 11.28
N SER A 135 -3.15 17.37 11.86
CA SER A 135 -2.41 17.85 13.06
C SER A 135 -0.94 18.10 12.80
N SER A 136 -0.42 19.15 13.43
CA SER A 136 0.95 19.54 13.28
C SER A 136 1.83 18.46 13.87
N GLU A 137 1.29 17.70 14.82
CA GLU A 137 2.06 16.62 15.43
CA GLU A 137 2.04 16.63 15.45
C GLU A 137 2.38 15.56 14.39
N GLU A 138 1.45 15.27 13.51
CA GLU A 138 1.68 14.33 12.44
C GLU A 138 2.60 15.01 11.37
N ALA A 139 2.27 16.23 10.99
CA ALA A 139 3.06 16.94 9.98
C ALA A 139 4.52 16.94 10.33
N PHE A 140 4.82 17.10 11.62
CA PHE A 140 6.20 17.15 12.09
C PHE A 140 6.70 15.76 12.55
N ASN A 141 5.87 14.75 12.44
CA ASN A 141 6.34 13.41 12.76
C ASN A 141 7.00 12.71 11.54
N PRO A 142 8.32 12.47 11.62
CA PRO A 142 9.05 11.77 10.57
C PRO A 142 8.63 10.33 10.28
N ASN A 143 7.73 9.76 11.09
CA ASN A 143 7.12 8.46 10.82
C ASN A 143 6.00 8.61 9.83
N ALA A 144 5.44 9.82 9.73
CA ALA A 144 4.44 10.15 8.73
C ALA A 144 5.17 10.60 7.43
N VAL A 145 4.95 9.88 6.34
CA VAL A 145 5.58 10.22 5.04
C VAL A 145 4.75 11.30 4.36
N LYS A 146 5.30 12.48 4.21
CA LYS A 146 4.62 13.56 3.50
C LYS A 146 4.88 13.48 1.98
N VAL A 147 3.92 13.92 1.17
CA VAL A 147 4.12 13.93 -0.25
C VAL A 147 3.67 15.26 -0.83
N VAL A 148 4.39 15.71 -1.85
CA VAL A 148 3.96 16.88 -2.62
C VAL A 148 3.84 16.50 -4.09
N ASP A 150 2.60 17.58 -8.31
CA ASP A 150 2.47 18.65 -9.27
C ASP A 150 1.00 18.76 -9.70
N ALA A 151 0.72 19.64 -10.63
CA ALA A 151 -0.65 19.90 -11.06
C ALA A 151 -1.39 18.70 -11.67
N GLN A 152 -0.67 17.77 -12.29
CA GLN A 152 -1.30 16.58 -12.87
C GLN A 152 -1.33 15.44 -11.87
N GLY A 153 -0.97 15.69 -10.62
CA GLY A 153 -0.97 14.63 -9.65
C GLY A 153 0.31 13.83 -9.52
N TYR A 154 1.32 14.04 -10.37
CA TYR A 154 2.56 13.27 -10.22
C TYR A 154 3.38 13.81 -9.03
N ALA A 155 3.96 12.91 -8.27
CA ALA A 155 4.75 13.24 -7.10
C ALA A 155 5.97 14.03 -7.51
N LEU A 156 6.23 15.12 -6.80
CA LEU A 156 7.52 15.78 -6.89
C LEU A 156 8.47 15.09 -5.95
N TYR A 157 8.02 14.79 -4.75
CA TYR A 157 8.90 14.26 -3.74
C TYR A 157 8.07 13.68 -2.59
N PHE A 158 8.64 12.66 -1.97
CA PHE A 158 8.11 12.09 -0.73
C PHE A 158 9.17 12.33 0.32
N SER A 159 8.80 12.69 1.53
CA SER A 159 9.82 12.96 2.55
C SER A 159 9.33 12.72 3.96
N ARG A 160 10.27 12.52 4.86
CA ARG A 160 9.93 12.49 6.28
C ARG A 160 10.03 13.88 6.85
N ALA A 161 10.61 14.82 6.09
CA ALA A 161 10.61 16.23 6.47
C ALA A 161 9.24 16.78 6.25
N THR A 162 9.02 17.94 6.84
CA THR A 162 7.74 18.59 6.82
C THR A 162 7.59 19.44 5.57
N ILE A 163 7.07 18.80 4.51
CA ILE A 163 6.86 19.42 3.19
C ILE A 163 5.40 19.34 2.77
N PRO A 164 4.90 20.40 2.17
CA PRO A 164 5.61 21.63 1.86
C PRO A 164 5.74 22.51 3.09
N TRP A 165 6.89 23.15 3.22
CA TRP A 165 7.20 23.98 4.36
C TRP A 165 6.44 25.30 4.32
N GLU A 166 5.61 25.53 5.33
CA GLU A 166 4.81 26.70 5.42
C GLU A 166 5.67 27.79 5.99
N ARG A 167 6.29 28.52 5.08
CA ARG A 167 7.30 29.46 5.43
C ARG A 167 6.82 30.55 6.40
N GLU A 168 5.82 31.34 6.02
CA GLU A 168 5.39 32.46 6.86
C GLU A 168 4.85 31.89 8.18
N ARG A 169 3.92 30.95 8.06
CA ARG A 169 3.27 30.35 9.22
C ARG A 169 4.27 29.79 10.23
N PHE A 170 5.23 28.98 9.80
CA PHE A 170 6.14 28.33 10.74
C PHE A 170 7.21 29.27 11.27
N ALA A 171 7.33 30.48 10.74
CA ALA A 171 8.27 31.45 11.29
C ALA A 171 7.69 32.03 12.62
N GLN A 172 6.36 32.05 12.75
CA GLN A 172 5.69 32.49 13.98
C GLN A 172 5.49 31.35 14.97
N SER A 173 4.99 30.22 14.46
CA SER A 173 4.56 29.08 15.29
C SER A 173 4.45 27.75 14.51
N LYS A 174 5.01 26.69 15.09
CA LYS A 174 4.86 25.34 14.56
C LYS A 174 3.84 24.51 15.32
N GLU A 175 2.86 25.15 15.95
CA GLU A 175 1.84 24.44 16.73
C GLU A 175 0.60 24.16 15.89
N THR A 176 0.47 24.87 14.79
CA THR A 176 -0.65 24.75 13.89
C THR A 176 -0.17 24.54 12.42
N ILE A 177 -1.01 23.92 11.59
CA ILE A 177 -0.74 23.76 10.16
C ILE A 177 -1.93 24.16 9.32
N GLY A 178 -1.67 24.58 8.09
CA GLY A 178 -2.73 24.78 7.11
C GLY A 178 -3.21 23.46 6.54
N ASP A 179 -3.93 23.56 5.42
CA ASP A 179 -4.59 22.41 4.82
C ASP A 179 -3.81 21.78 3.64
N CYS A 180 -2.49 21.95 3.62
CA CYS A 180 -1.67 21.60 2.45
C CYS A 180 -0.89 20.27 2.56
N PHE A 181 -0.94 19.62 3.72
CA PHE A 181 -0.14 18.44 3.97
C PHE A 181 -0.88 17.15 3.63
N LEU A 182 -0.14 16.22 3.04
CA LEU A 182 -0.67 14.92 2.62
C LEU A 182 0.24 13.88 3.13
N ARG A 183 -0.34 12.86 3.72
CA ARG A 183 0.40 11.69 4.18
C ARG A 183 0.25 10.64 3.12
N HIS A 184 1.35 10.06 2.70
CA HIS A 184 1.31 8.96 1.72
C HIS A 184 0.80 7.67 2.35
N ILE A 185 -0.19 7.02 1.75
CA ILE A 185 -0.58 5.68 2.17
C ILE A 185 -0.07 4.59 1.21
N GLY A 186 0.21 3.42 1.76
CA GLY A 186 1.02 2.45 1.07
C GLY A 186 0.18 1.47 0.31
N ILE A 187 -0.70 1.97 -0.53
CA ILE A 187 -1.38 1.14 -1.52
C ILE A 187 -0.87 1.64 -2.89
N TYR A 188 -0.56 0.69 -3.77
CA TYR A 188 0.14 0.97 -5.02
C TYR A 188 -0.49 0.20 -6.14
N ALA A 189 -0.56 0.82 -7.31
CA ALA A 189 -0.90 0.09 -8.52
C ALA A 189 0.35 0.18 -9.40
N TYR A 190 0.62 -0.88 -10.15
CA TYR A 190 1.76 -0.90 -11.08
C TYR A 190 1.33 -1.59 -12.37
N ARG A 191 1.93 -1.19 -13.48
CA ARG A 191 1.94 -2.03 -14.65
C ARG A 191 2.89 -3.18 -14.40
N ALA A 192 2.51 -4.37 -14.82
CA ALA A 192 3.38 -5.51 -14.62
C ALA A 192 4.73 -5.26 -15.28
N GLY A 193 4.71 -4.53 -16.39
CA GLY A 193 5.95 -4.21 -17.09
C GLY A 193 6.83 -3.25 -16.32
N PHE A 194 6.22 -2.36 -15.56
CA PHE A 194 7.00 -1.47 -14.69
C PHE A 194 7.75 -2.32 -13.66
N ILE A 195 7.04 -3.27 -13.05
CA ILE A 195 7.66 -4.14 -12.05
C ILE A 195 8.85 -4.91 -12.61
N ARG A 196 8.68 -5.49 -13.81
CA ARG A 196 9.81 -6.25 -14.47
C ARG A 196 11.05 -5.40 -14.68
N ARG A 197 10.84 -4.15 -15.08
CA ARG A 197 11.92 -3.25 -15.31
C ARG A 197 12.49 -2.79 -13.96
N TYR A 198 11.63 -2.50 -12.99
CA TYR A 198 12.07 -1.93 -11.71
C TYR A 198 13.03 -2.82 -10.90
N VAL A 199 12.77 -4.12 -10.93
CA VAL A 199 13.53 -5.03 -10.10
C VAL A 199 15.02 -5.15 -10.49
N ASN A 200 15.41 -4.71 -11.68
CA ASN A 200 16.83 -4.72 -12.02
C ASN A 200 17.59 -3.51 -11.44
N TRP A 201 16.89 -2.50 -10.97
CA TRP A 201 17.57 -1.26 -10.65
C TRP A 201 18.30 -1.35 -9.31
N ALA A 202 19.51 -0.80 -9.24
CA ALA A 202 20.24 -0.81 -8.00
C ALA A 202 19.60 0.16 -7.00
N PRO A 203 19.70 -0.15 -5.72
CA PRO A 203 19.20 0.74 -4.73
C PRO A 203 19.90 2.06 -4.84
N SER A 204 19.19 3.14 -4.51
CA SER A 204 19.74 4.47 -4.62
C SER A 204 20.31 4.96 -3.28
N GLN A 205 21.21 5.90 -3.32
CA GLN A 205 21.62 6.52 -2.06
C GLN A 205 20.50 7.32 -1.44
N LEU A 206 19.77 8.08 -2.27
CA LEU A 206 18.65 8.89 -1.78
C LEU A 206 17.69 8.10 -0.90
N GLU A 207 17.31 6.91 -1.36
CA GLU A 207 16.31 6.16 -0.65
C GLU A 207 16.82 5.70 0.73
N GLN A 208 18.13 5.50 0.84
CA GLN A 208 18.75 5.07 2.08
C GLN A 208 18.88 6.23 3.07
N ILE A 209 18.93 7.47 2.59
CA ILE A 209 18.89 8.60 3.51
C ILE A 209 17.53 8.72 4.18
N GLU A 210 16.47 8.77 3.37
CA GLU A 210 15.12 8.95 3.86
C GLU A 210 14.49 7.66 4.38
N LEU A 211 15.05 6.53 3.97
CA LEU A 211 14.45 5.22 4.19
C LEU A 211 13.05 5.21 3.58
N LEU A 212 12.99 5.48 2.28
CA LEU A 212 11.75 5.51 1.52
C LEU A 212 12.05 4.94 0.16
N GLU A 213 11.65 3.70 -0.07
CA GLU A 213 11.98 3.04 -1.34
C GLU A 213 11.35 3.73 -2.54
N GLN A 214 10.22 4.40 -2.36
CA GLN A 214 9.54 5.15 -3.39
C GLN A 214 10.48 6.10 -4.09
N LEU A 215 11.43 6.66 -3.33
CA LEU A 215 12.40 7.57 -3.91
C LEU A 215 13.28 6.91 -4.96
N ARG A 216 13.39 5.58 -4.93
CA ARG A 216 14.14 4.90 -5.96
C ARG A 216 13.56 5.14 -7.32
N VAL A 217 12.22 5.20 -7.36
CA VAL A 217 11.53 5.39 -8.63
C VAL A 217 11.82 6.80 -9.18
N LEU A 218 11.70 7.79 -8.31
CA LEU A 218 11.93 9.19 -8.69
C LEU A 218 13.42 9.42 -9.03
N TRP A 219 14.33 8.85 -8.25
CA TRP A 219 15.75 8.95 -8.55
C TRP A 219 16.07 8.51 -9.99
N TYR A 220 15.47 7.40 -10.43
CA TYR A 220 15.74 6.86 -11.74
C TYR A 220 14.89 7.48 -12.83
N GLY A 221 14.23 8.59 -12.52
CA GLY A 221 13.58 9.43 -13.54
C GLY A 221 12.21 8.96 -13.95
N GLU A 222 11.56 8.16 -13.12
CA GLU A 222 10.21 7.66 -13.46
C GLU A 222 9.19 8.37 -12.61
N LYS A 223 7.94 8.33 -13.03
CA LYS A 223 6.89 9.06 -12.32
C LYS A 223 6.09 8.19 -11.41
N ILE A 224 5.49 8.83 -10.38
CA ILE A 224 4.50 8.15 -9.53
C ILE A 224 3.29 9.08 -9.45
N HIS A 225 2.15 8.62 -9.91
CA HIS A 225 0.93 9.36 -9.82
C HIS A 225 0.36 9.18 -8.42
N VAL A 226 -0.11 10.28 -7.86
CA VAL A 226 -0.66 10.33 -6.52
C VAL A 226 -2.00 11.06 -6.57
N ALA A 227 -2.96 10.56 -5.80
CA ALA A 227 -4.26 11.20 -5.65
C ALA A 227 -4.70 11.11 -4.19
N VAL A 228 -5.55 12.04 -3.76
CA VAL A 228 -6.15 12.02 -2.42
C VAL A 228 -7.12 10.80 -2.39
N ALA A 229 -6.94 9.92 -1.43
CA ALA A 229 -7.86 8.76 -1.32
C ALA A 229 -9.34 9.16 -1.24
N LYS A 230 -10.22 8.48 -1.97
CA LYS A 230 -11.66 8.69 -1.93
C LYS A 230 -12.33 8.24 -0.61
N ALA A 231 -11.63 7.44 0.19
CA ALA A 231 -12.06 7.11 1.52
C ALA A 231 -10.80 6.98 2.34
N VAL A 232 -10.86 7.47 3.56
CA VAL A 232 -9.68 7.43 4.41
C VAL A 232 -9.68 6.03 5.00
N PRO A 233 -8.64 5.23 4.70
CA PRO A 233 -8.58 3.86 5.11
C PRO A 233 -8.22 3.72 6.57
N ALA A 234 -8.89 2.80 7.24
CA ALA A 234 -8.66 2.58 8.65
C ALA A 234 -7.24 2.03 8.78
N VAL A 235 -6.68 2.21 9.97
CA VAL A 235 -5.32 1.77 10.20
C VAL A 235 -5.38 0.24 10.13
N GLY A 236 -4.30 -0.38 9.66
CA GLY A 236 -4.20 -1.82 9.60
C GLY A 236 -3.95 -2.45 10.97
N VAL A 237 -3.39 -3.67 10.96
CA VAL A 237 -3.40 -4.55 12.12
C VAL A 237 -2.02 -5.10 12.44
N ASP A 238 -1.38 -4.50 13.43
CA ASP A 238 -0.07 -4.97 13.92
C ASP A 238 -0.14 -5.58 15.32
N THR A 239 -1.02 -5.03 16.17
CA THR A 239 -1.15 -5.40 17.60
C THR A 239 -2.48 -6.07 17.90
N GLN A 240 -2.57 -6.76 19.03
CA GLN A 240 -3.83 -7.34 19.48
C GLN A 240 -4.89 -6.25 19.65
N SER A 241 -4.47 -5.08 20.12
CA SER A 241 -5.30 -3.90 20.24
C SER A 241 -5.90 -3.46 18.88
N ASP A 242 -5.07 -3.42 17.83
CA ASP A 242 -5.55 -3.14 16.48
C ASP A 242 -6.60 -4.19 16.09
N LEU A 243 -6.35 -5.44 16.40
CA LEU A 243 -7.24 -6.52 16.04
C LEU A 243 -8.62 -6.36 16.71
N ASP A 244 -8.62 -5.95 17.97
CA ASP A 244 -9.84 -5.72 18.70
C ASP A 244 -10.60 -4.52 18.15
N ARG A 245 -9.86 -3.49 17.77
CA ARG A 245 -10.49 -2.33 17.20
C ARG A 245 -11.26 -2.79 15.90
N VAL A 246 -10.63 -3.62 15.06
CA VAL A 246 -11.24 -4.02 13.81
C VAL A 246 -12.43 -4.89 14.08
N ARG A 247 -12.28 -5.83 15.01
CA ARG A 247 -13.38 -6.70 15.37
C ARG A 247 -14.58 -5.87 15.85
N ALA A 248 -14.32 -4.80 16.59
CA ALA A 248 -15.37 -3.94 17.11
C ALA A 248 -16.13 -3.26 15.96
N ILE A 249 -15.39 -2.74 14.99
CA ILE A 249 -16.03 -2.09 13.81
C ILE A 249 -16.96 -3.07 13.09
N LEU A 251 -18.55 -5.58 14.40
CA LEU A 251 -19.68 -5.97 15.20
C LEU A 251 -20.50 -4.73 15.63
N ASN A 252 -20.24 -3.63 14.94
CA ASN A 252 -20.89 -2.35 15.18
C ASN A 252 -20.77 -1.94 16.63
N GLN A 253 -19.61 -2.20 17.23
CA GLN A 253 -19.31 -1.75 18.58
C GLN A 253 -18.29 -0.61 18.50
#